data_3SSZ
#
_entry.id   3SSZ
#
_cell.length_a   136.777
_cell.length_b   136.777
_cell.length_c   116.283
_cell.angle_alpha   90.00
_cell.angle_beta   90.00
_cell.angle_gamma   90.00
#
_symmetry.space_group_name_H-M   'I 4 2 2'
#
loop_
_entity.id
_entity.type
_entity.pdbx_description
1 polymer 'Mandelate racemase/muconate lactonizing enzyme, N-terminal domain protein'
2 non-polymer 'SULFATE ION'
3 water water
#
_entity_poly.entity_id   1
_entity_poly.type   'polypeptide(L)'
_entity_poly.pdbx_seq_one_letter_code
;MHHHHHHSSGVDLGTENLYFQSMTKIKSVRTRVWNWTGPTVPPTGNFCTNASDVLYEKGDAMSSFRFHQWLTCEVETEDG
TVGIGNAALAPSVVKAAIDEWFAPLVIGEDPFDYAYLWEKMYRRSHAWGRKGIGMTAISAVDLAIWDLMGKLAGKPVFKL
LGGRTKEKIPVYYSKLYSGPIDVMQAEAAEAQKNGYSAYKMRFGWGPKDGMDGMRENLKRVEAVREVIGYDVDLMLECYM
GWNLDYTKRMLPKLVKYEPRWLEEPVIADDVEGYRELNAMNIVPISGGEHEFSVIGCKDLIEKKAVSVLQYDTNRVGGIT
AAQKINAIAEAFQVPVIPHAGQMHNYHLTMANANCMISEYFPVFDVEVGNELFYYIFEGDPEAVDGFLDLDDDTPGLGIE
ITDKHLKHFQITE
;
_entity_poly.pdbx_strand_id   A
#
# COMPACT_ATOMS: atom_id res chain seq x y z
N MET A 23 12.01 -15.06 27.79
CA MET A 23 12.14 -14.81 26.35
C MET A 23 12.15 -16.08 25.50
N THR A 24 11.19 -16.18 24.59
CA THR A 24 11.12 -17.31 23.66
C THR A 24 11.75 -16.96 22.32
N LYS A 25 12.25 -17.96 21.61
CA LYS A 25 13.00 -17.70 20.39
C LYS A 25 12.29 -18.19 19.14
N ILE A 26 12.58 -17.53 18.02
CA ILE A 26 12.01 -17.90 16.74
C ILE A 26 12.40 -19.33 16.39
N LYS A 27 11.40 -20.14 16.04
CA LYS A 27 11.61 -21.56 15.73
C LYS A 27 11.57 -21.83 14.23
N SER A 28 10.54 -21.31 13.57
CA SER A 28 10.37 -21.63 12.18
C SER A 28 9.78 -20.47 11.38
N VAL A 29 10.01 -20.51 10.07
CA VAL A 29 9.39 -19.55 9.16
C VAL A 29 8.69 -20.28 8.03
N ARG A 30 7.37 -20.14 7.98
CA ARG A 30 6.56 -20.84 7.00
C ARG A 30 6.00 -19.92 5.93
N THR A 31 6.61 -19.98 4.75
CA THR A 31 6.23 -19.08 3.67
C THR A 31 5.45 -19.83 2.60
N ARG A 32 4.27 -19.29 2.26
CA ARG A 32 3.39 -19.90 1.28
C ARG A 32 2.88 -18.94 0.19
N VAL A 33 2.72 -19.46 -1.03
CA VAL A 33 2.16 -18.67 -2.12
C VAL A 33 0.74 -19.12 -2.46
N TRP A 34 -0.22 -18.20 -2.32
CA TRP A 34 -1.63 -18.47 -2.57
C TRP A 34 -2.07 -18.07 -3.99
N ASN A 35 -2.63 -19.02 -4.74
CA ASN A 35 -3.13 -18.72 -6.08
C ASN A 35 -4.64 -18.78 -6.13
N TRP A 36 -5.26 -17.67 -6.54
CA TRP A 36 -6.71 -17.61 -6.68
C TRP A 36 -7.21 -18.48 -7.85
N THR A 37 -7.98 -19.51 -7.51
CA THR A 37 -8.59 -20.33 -8.55
C THR A 37 -10.09 -20.04 -8.66
N GLY A 38 -10.60 -19.17 -7.79
CA GLY A 38 -12.01 -18.80 -7.78
C GLY A 38 -12.44 -18.00 -8.99
N PRO A 39 -13.70 -17.56 -9.01
CA PRO A 39 -14.27 -16.78 -10.12
C PRO A 39 -13.64 -15.41 -10.21
N THR A 40 -13.56 -14.87 -11.43
CA THR A 40 -12.92 -13.58 -11.64
C THR A 40 -13.64 -12.74 -12.69
N VAL A 41 -13.42 -11.43 -12.63
CA VAL A 41 -14.03 -10.50 -13.59
C VAL A 41 -12.94 -9.80 -14.40
N PRO A 42 -12.78 -10.26 -15.64
CA PRO A 42 -11.75 -9.70 -16.53
C PRO A 42 -11.90 -8.19 -16.73
N PRO A 43 -10.84 -7.44 -16.44
CA PRO A 43 -10.85 -5.99 -16.62
C PRO A 43 -11.12 -5.61 -18.09
N THR A 44 -11.29 -4.32 -18.33
CA THR A 44 -11.71 -3.83 -19.63
C THR A 44 -10.70 -2.83 -20.19
N GLY A 45 -11.00 -2.31 -21.38
CA GLY A 45 -10.23 -1.23 -21.98
C GLY A 45 -9.96 -0.12 -20.99
N ASN A 46 -8.78 0.49 -21.12
CA ASN A 46 -8.11 1.17 -20.01
C ASN A 46 -7.63 0.05 -19.05
N PHE A 47 -8.26 -0.17 -17.88
CA PHE A 47 -9.11 0.78 -17.19
C PHE A 47 -8.28 1.50 -16.12
N CYS A 48 -6.97 1.42 -16.33
CA CYS A 48 -6.00 2.13 -15.53
C CYS A 48 -4.70 2.25 -16.31
N THR A 49 -4.14 3.44 -16.37
CA THR A 49 -2.83 3.60 -17.00
C THR A 49 -1.76 2.74 -16.28
N ASN A 50 -0.64 2.50 -16.96
CA ASN A 50 0.32 1.53 -16.44
C ASN A 50 1.71 1.82 -17.00
N ALA A 51 2.77 1.43 -16.27
CA ALA A 51 4.14 1.63 -16.77
C ALA A 51 4.41 0.95 -18.13
N SER A 52 3.60 -0.06 -18.45
CA SER A 52 3.76 -0.83 -19.68
C SER A 52 3.03 -0.23 -20.88
N ASP A 53 2.22 0.81 -20.65
CA ASP A 53 1.43 1.39 -21.73
C ASP A 53 2.27 1.78 -22.95
N VAL A 54 3.54 2.14 -22.73
CA VAL A 54 4.42 2.61 -23.80
C VAL A 54 4.81 1.49 -24.77
N LEU A 55 4.68 0.24 -24.31
CA LEU A 55 4.88 -0.93 -25.16
C LEU A 55 3.69 -1.11 -26.14
N TYR A 56 3.90 -1.81 -27.25
CA TYR A 56 2.86 -1.93 -28.28
C TYR A 56 2.27 -3.35 -28.40
N PHE A 67 -2.20 -16.56 -12.80
CA PHE A 67 -2.95 -16.55 -11.53
C PHE A 67 -2.68 -15.33 -10.66
N HIS A 68 -3.74 -14.74 -10.12
CA HIS A 68 -3.58 -13.72 -9.08
C HIS A 68 -3.07 -14.40 -7.83
N GLN A 69 -2.10 -13.78 -7.16
CA GLN A 69 -1.42 -14.42 -6.02
C GLN A 69 -1.28 -13.53 -4.78
N TRP A 70 -0.95 -14.16 -3.65
CA TRP A 70 -0.54 -13.44 -2.45
C TRP A 70 0.44 -14.32 -1.71
N LEU A 71 1.25 -13.73 -0.83
CA LEU A 71 2.22 -14.49 -0.06
C LEU A 71 1.97 -14.37 1.43
N THR A 72 2.02 -15.49 2.14
CA THR A 72 1.96 -15.46 3.60
C THR A 72 3.27 -15.93 4.20
N CYS A 73 3.66 -15.27 5.28
CA CYS A 73 4.86 -15.63 6.01
C CYS A 73 4.51 -15.75 7.49
N GLU A 74 4.55 -16.98 7.99
CA GLU A 74 4.20 -17.20 9.38
C GLU A 74 5.45 -17.54 10.17
N VAL A 75 5.73 -16.72 11.17
CA VAL A 75 6.88 -16.94 12.01
C VAL A 75 6.41 -17.43 13.38
N GLU A 76 6.90 -18.60 13.77
CA GLU A 76 6.53 -19.22 15.02
C GLU A 76 7.71 -19.31 16.00
N THR A 77 7.42 -19.06 17.28
CA THR A 77 8.43 -19.15 18.33
C THR A 77 8.39 -20.51 19.03
N GLU A 78 9.42 -20.81 19.83
CA GLU A 78 9.50 -22.11 20.50
C GLU A 78 8.26 -22.43 21.34
N ASP A 79 7.56 -21.38 21.78
CA ASP A 79 6.40 -21.54 22.66
C ASP A 79 5.07 -21.62 21.90
N GLY A 80 5.16 -21.73 20.58
CA GLY A 80 3.98 -21.93 19.75
C GLY A 80 3.30 -20.68 19.21
N THR A 81 3.70 -19.52 19.72
CA THR A 81 3.15 -18.26 19.22
C THR A 81 3.47 -18.09 17.75
N VAL A 82 2.50 -17.61 16.97
CA VAL A 82 2.70 -17.42 15.54
C VAL A 82 2.38 -15.99 15.11
N GLY A 83 3.33 -15.36 14.42
CA GLY A 83 3.10 -14.03 13.87
C GLY A 83 2.89 -14.14 12.37
N ILE A 84 1.97 -13.34 11.85
CA ILE A 84 1.66 -13.37 10.42
C ILE A 84 2.14 -12.14 9.64
N GLY A 85 3.02 -12.38 8.67
CA GLY A 85 3.40 -11.42 7.66
C GLY A 85 2.85 -11.76 6.27
N ASN A 86 3.00 -10.82 5.34
CA ASN A 86 2.52 -11.02 3.96
C ASN A 86 3.21 -10.10 2.94
N ALA A 87 3.12 -10.48 1.67
CA ALA A 87 3.58 -9.62 0.58
C ALA A 87 2.74 -9.93 -0.64
N ALA A 88 2.70 -8.99 -1.59
CA ALA A 88 1.96 -9.17 -2.83
C ALA A 88 2.83 -9.09 -4.10
N LEU A 89 3.98 -8.42 -4.02
CA LEU A 89 4.87 -8.35 -5.17
C LEU A 89 5.48 -9.72 -5.48
N ALA A 90 5.58 -10.04 -6.77
CA ALA A 90 6.23 -11.27 -7.24
C ALA A 90 6.36 -12.40 -6.19
N PRO A 91 5.23 -12.99 -5.77
CA PRO A 91 5.21 -13.87 -4.60
C PRO A 91 6.12 -15.10 -4.67
N SER A 92 6.16 -15.81 -5.78
CA SER A 92 6.98 -17.01 -5.80
C SER A 92 8.45 -16.62 -5.65
N VAL A 93 8.86 -15.57 -6.36
CA VAL A 93 10.24 -15.12 -6.31
C VAL A 93 10.60 -14.58 -4.93
N VAL A 94 9.68 -13.85 -4.32
CA VAL A 94 9.87 -13.40 -2.93
C VAL A 94 9.96 -14.57 -1.94
N LYS A 95 9.13 -15.59 -2.12
CA LYS A 95 9.19 -16.77 -1.24
C LYS A 95 10.57 -17.45 -1.34
N ALA A 96 11.12 -17.51 -2.54
CA ALA A 96 12.42 -18.15 -2.73
C ALA A 96 13.52 -17.36 -2.02
N ALA A 97 13.38 -16.04 -1.98
CA ALA A 97 14.34 -15.22 -1.24
C ALA A 97 14.19 -15.43 0.28
N ILE A 98 12.96 -15.37 0.79
CA ILE A 98 12.71 -15.59 2.20
C ILE A 98 13.25 -16.95 2.63
N ASP A 99 12.92 -17.99 1.85
CA ASP A 99 13.33 -19.36 2.21
C ASP A 99 14.85 -19.55 2.23
N GLU A 100 15.52 -19.03 1.21
CA GLU A 100 16.95 -19.26 1.05
C GLU A 100 17.81 -18.30 1.89
N TRP A 101 17.42 -17.03 1.92
CA TRP A 101 18.29 -16.02 2.52
C TRP A 101 17.83 -15.44 3.87
N PHE A 102 16.53 -15.27 4.08
CA PHE A 102 16.09 -14.48 5.24
C PHE A 102 15.62 -15.28 6.45
N ALA A 103 14.87 -16.36 6.22
CA ALA A 103 14.43 -17.26 7.28
C ALA A 103 15.58 -17.77 8.14
N PRO A 104 16.68 -18.21 7.50
CA PRO A 104 17.78 -18.76 8.28
C PRO A 104 18.44 -17.72 9.20
N LEU A 105 18.24 -16.43 8.90
CA LEU A 105 18.90 -15.38 9.66
C LEU A 105 18.15 -15.08 10.97
N VAL A 106 16.85 -15.40 11.01
CA VAL A 106 16.03 -15.00 12.14
C VAL A 106 15.71 -16.17 13.07
N ILE A 107 15.96 -17.39 12.60
CA ILE A 107 15.66 -18.57 13.39
C ILE A 107 16.59 -18.70 14.58
N GLY A 108 16.01 -18.83 15.77
CA GLY A 108 16.78 -18.93 16.99
C GLY A 108 17.03 -17.58 17.63
N GLU A 109 16.32 -16.56 17.15
CA GLU A 109 16.47 -15.19 17.66
C GLU A 109 15.24 -14.73 18.45
N ASP A 110 15.46 -13.78 19.35
CA ASP A 110 14.38 -13.12 20.08
C ASP A 110 13.70 -12.12 19.14
N PRO A 111 12.37 -12.19 19.00
CA PRO A 111 11.63 -11.22 18.20
C PRO A 111 11.88 -9.78 18.65
N PHE A 112 12.15 -9.58 19.94
CA PHE A 112 12.37 -8.24 20.46
C PHE A 112 13.74 -7.65 20.10
N ASP A 113 14.52 -8.41 19.34
CA ASP A 113 15.74 -7.87 18.72
C ASP A 113 15.44 -7.46 17.27
N TYR A 114 14.17 -7.12 17.02
CA TYR A 114 13.69 -6.79 15.66
C TYR A 114 14.58 -5.83 14.86
N ALA A 115 15.01 -4.74 15.49
CA ALA A 115 15.87 -3.80 14.78
C ALA A 115 17.18 -4.47 14.34
N TYR A 116 17.72 -5.33 15.20
CA TYR A 116 18.95 -6.02 14.85
C TYR A 116 18.70 -7.00 13.72
N LEU A 117 17.57 -7.70 13.79
CA LEU A 117 17.22 -8.67 12.76
C LEU A 117 16.97 -7.94 11.44
N TRP A 118 16.35 -6.77 11.50
CA TRP A 118 16.10 -5.99 10.30
C TRP A 118 17.44 -5.63 9.63
N GLU A 119 18.36 -5.15 10.46
CA GLU A 119 19.68 -4.74 9.99
C GLU A 119 20.48 -5.90 9.42
N LYS A 120 20.33 -7.05 10.06
CA LYS A 120 21.02 -8.26 9.65
C LYS A 120 20.56 -8.65 8.25
N MET A 121 19.25 -8.66 8.05
CA MET A 121 18.69 -9.00 6.75
C MET A 121 19.12 -7.97 5.69
N TYR A 122 19.03 -6.70 6.08
CA TYR A 122 19.30 -5.60 5.18
C TYR A 122 20.73 -5.59 4.70
N ARG A 123 21.67 -5.80 5.62
CA ARG A 123 23.09 -5.74 5.25
C ARG A 123 23.59 -7.02 4.57
N ARG A 124 23.16 -8.18 5.08
CA ARG A 124 23.54 -9.47 4.49
C ARG A 124 23.09 -9.60 3.03
N SER A 125 21.97 -8.97 2.66
CA SER A 125 21.46 -9.04 1.28
C SER A 125 21.68 -7.73 0.51
N HIS A 126 22.40 -6.79 1.09
CA HIS A 126 22.45 -5.45 0.53
C HIS A 126 22.79 -5.43 -0.95
N ALA A 127 23.81 -6.20 -1.32
CA ALA A 127 24.29 -6.28 -2.70
C ALA A 127 23.17 -6.40 -3.73
N TRP A 128 22.14 -7.16 -3.40
CA TRP A 128 21.08 -7.44 -4.34
C TRP A 128 19.70 -7.14 -3.76
N GLY A 129 19.64 -6.91 -2.46
CA GLY A 129 18.37 -6.83 -1.77
C GLY A 129 17.73 -5.49 -1.45
N ARG A 130 18.49 -4.43 -1.61
CA ARG A 130 18.06 -3.17 -1.02
C ARG A 130 16.80 -2.58 -1.68
N LYS A 131 16.47 -3.08 -2.83
CA LYS A 131 15.13 -2.75 -3.22
C LYS A 131 14.58 -3.95 -3.95
N GLY A 132 13.27 -3.96 -4.18
CA GLY A 132 12.64 -4.98 -4.99
C GLY A 132 12.34 -6.23 -4.20
N ILE A 133 12.83 -7.36 -4.72
CA ILE A 133 12.59 -8.67 -4.12
C ILE A 133 13.08 -8.73 -2.69
N GLY A 134 14.34 -8.37 -2.48
CA GLY A 134 14.94 -8.43 -1.17
C GLY A 134 14.16 -7.68 -0.10
N MET A 135 13.95 -6.39 -0.32
CA MET A 135 13.25 -5.57 0.66
C MET A 135 11.79 -6.03 0.87
N THR A 136 11.19 -6.62 -0.16
CA THR A 136 9.84 -7.12 -0.03
C THR A 136 9.83 -8.37 0.85
N ALA A 137 10.76 -9.29 0.60
CA ALA A 137 10.93 -10.46 1.47
C ALA A 137 11.15 -10.06 2.91
N ILE A 138 12.08 -9.13 3.12
CA ILE A 138 12.33 -8.58 4.46
C ILE A 138 11.03 -8.04 5.10
N SER A 139 10.19 -7.38 4.31
CA SER A 139 8.95 -6.81 4.84
C SER A 139 8.05 -7.88 5.43
N ALA A 140 7.91 -8.98 4.70
CA ALA A 140 7.00 -10.05 5.09
C ALA A 140 7.46 -10.70 6.40
N VAL A 141 8.76 -10.91 6.50
CA VAL A 141 9.38 -11.46 7.71
C VAL A 141 9.23 -10.50 8.90
N ASP A 142 9.66 -9.26 8.70
CA ASP A 142 9.56 -8.22 9.72
C ASP A 142 8.13 -8.03 10.23
N LEU A 143 7.15 -8.12 9.32
CA LEU A 143 5.72 -7.99 9.68
C LEU A 143 5.30 -9.09 10.65
N ALA A 144 5.71 -10.32 10.34
CA ALA A 144 5.45 -11.47 11.19
C ALA A 144 6.05 -11.29 12.58
N ILE A 145 7.28 -10.79 12.58
CA ILE A 145 8.01 -10.54 13.81
C ILE A 145 7.31 -9.51 14.70
N TRP A 146 6.70 -8.51 14.08
CA TRP A 146 5.93 -7.51 14.82
C TRP A 146 4.62 -8.07 15.33
N ASP A 147 3.98 -8.93 14.54
CA ASP A 147 2.78 -9.60 15.00
C ASP A 147 3.15 -10.39 16.26
N LEU A 148 4.30 -11.07 16.23
CA LEU A 148 4.79 -11.83 17.37
C LEU A 148 4.94 -10.99 18.61
N MET A 149 5.63 -9.87 18.47
CA MET A 149 5.90 -9.02 19.62
C MET A 149 4.61 -8.60 20.29
N GLY A 150 3.61 -8.24 19.49
CA GLY A 150 2.34 -7.79 20.05
C GLY A 150 1.63 -8.91 20.78
N LYS A 151 1.68 -10.10 20.20
CA LYS A 151 1.08 -11.30 20.79
C LYS A 151 1.82 -11.69 22.06
N LEU A 152 3.14 -11.73 21.99
CA LEU A 152 3.98 -12.02 23.15
C LEU A 152 3.76 -11.01 24.28
N ALA A 153 3.47 -9.77 23.92
CA ALA A 153 3.33 -8.74 24.94
C ALA A 153 1.88 -8.48 25.31
N GLY A 154 0.96 -9.15 24.62
CA GLY A 154 -0.46 -8.95 24.88
C GLY A 154 -0.90 -7.53 24.58
N LYS A 155 -0.40 -6.97 23.47
CA LYS A 155 -0.71 -5.59 23.07
C LYS A 155 -0.93 -5.53 21.58
N PRO A 156 -1.91 -4.73 21.13
CA PRO A 156 -1.98 -4.43 19.69
C PRO A 156 -0.71 -3.74 19.24
N VAL A 157 -0.20 -4.12 18.07
CA VAL A 157 1.00 -3.52 17.51
C VAL A 157 1.04 -1.99 17.62
N PHE A 158 -0.10 -1.33 17.42
CA PHE A 158 -0.12 0.13 17.48
C PHE A 158 0.28 0.69 18.85
N LYS A 159 -0.06 -0.03 19.92
CA LYS A 159 0.35 0.39 21.26
C LYS A 159 1.87 0.38 21.40
N LEU A 160 2.51 -0.68 20.91
CA LEU A 160 3.97 -0.75 20.91
C LEU A 160 4.58 0.36 20.04
N LEU A 161 3.80 0.93 19.13
CA LEU A 161 4.35 1.93 18.22
C LEU A 161 4.17 3.37 18.70
N GLY A 162 3.41 3.57 19.77
CA GLY A 162 3.15 4.89 20.29
C GLY A 162 1.71 5.06 20.74
N GLY A 163 0.85 4.13 20.33
CA GLY A 163 -0.52 4.11 20.81
C GLY A 163 -1.49 4.97 20.02
N ARG A 164 -2.58 5.35 20.67
CA ARG A 164 -3.71 5.95 19.98
C ARG A 164 -3.57 7.47 19.86
N THR A 165 -3.32 7.93 18.64
CA THR A 165 -3.23 9.36 18.37
C THR A 165 -4.53 9.88 17.78
N LYS A 166 -5.44 8.97 17.44
CA LYS A 166 -6.69 9.34 16.79
C LYS A 166 -7.91 8.60 17.37
N GLU A 167 -9.05 9.28 17.40
CA GLU A 167 -10.28 8.66 17.90
C GLU A 167 -10.71 7.48 17.02
N LYS A 168 -10.75 7.73 15.70
CA LYS A 168 -10.83 6.68 14.69
C LYS A 168 -10.03 7.14 13.48
N ILE A 169 -9.90 6.28 12.47
CA ILE A 169 -9.11 6.59 11.30
C ILE A 169 -9.98 6.87 10.08
N PRO A 170 -9.96 8.12 9.60
CA PRO A 170 -10.75 8.38 8.39
C PRO A 170 -10.10 7.67 7.20
N VAL A 171 -10.92 7.27 6.24
CA VAL A 171 -10.42 6.66 5.03
C VAL A 171 -10.93 7.37 3.79
N TYR A 172 -10.19 7.25 2.70
CA TYR A 172 -10.69 7.71 1.42
C TYR A 172 -11.00 6.51 0.56
N TYR A 173 -12.06 6.64 -0.23
CA TYR A 173 -12.53 5.56 -1.06
C TYR A 173 -11.63 5.40 -2.28
N SER A 174 -10.99 4.25 -2.38
CA SER A 174 -9.99 4.05 -3.41
C SER A 174 -10.36 2.96 -4.39
N LYS A 175 -11.09 3.36 -5.43
CA LYS A 175 -11.37 2.49 -6.56
C LYS A 175 -11.58 3.36 -7.79
N LEU A 176 -12.82 3.42 -8.28
CA LEU A 176 -13.15 4.29 -9.41
C LEU A 176 -12.15 4.10 -10.56
N TYR A 177 -12.01 2.86 -11.00
CA TYR A 177 -11.20 2.59 -12.15
C TYR A 177 -11.85 3.29 -13.34
N SER A 178 -11.04 3.63 -14.32
CA SER A 178 -11.52 4.34 -15.49
C SER A 178 -12.43 3.46 -16.34
N GLY A 179 -13.52 4.03 -16.84
CA GLY A 179 -14.41 3.36 -17.77
C GLY A 179 -15.46 4.29 -18.37
N PRO A 180 -16.52 3.72 -18.96
CA PRO A 180 -17.59 4.56 -19.49
C PRO A 180 -18.09 5.49 -18.39
N ILE A 181 -18.47 6.69 -18.80
CA ILE A 181 -18.89 7.71 -17.86
C ILE A 181 -20.01 7.30 -16.90
N ASP A 182 -21.09 6.72 -17.43
CA ASP A 182 -22.21 6.31 -16.60
C ASP A 182 -21.78 5.26 -15.57
N VAL A 183 -20.92 4.35 -16.00
CA VAL A 183 -20.36 3.35 -15.11
C VAL A 183 -19.62 3.99 -13.93
N MET A 184 -18.64 4.85 -14.24
CA MET A 184 -17.89 5.53 -13.20
C MET A 184 -18.83 6.35 -12.30
N GLN A 185 -19.81 7.02 -12.92
CA GLN A 185 -20.72 7.85 -12.13
C GLN A 185 -21.57 7.04 -11.16
N ALA A 186 -21.97 5.85 -11.58
CA ALA A 186 -22.77 4.98 -10.74
C ALA A 186 -21.93 4.46 -9.57
N GLU A 187 -20.68 4.13 -9.85
CA GLU A 187 -19.76 3.72 -8.77
C GLU A 187 -19.62 4.82 -7.72
N ALA A 188 -19.38 6.05 -8.16
CA ALA A 188 -19.26 7.20 -7.26
C ALA A 188 -20.51 7.37 -6.38
N ALA A 189 -21.69 7.25 -7.00
CA ALA A 189 -22.94 7.40 -6.27
C ALA A 189 -23.12 6.32 -5.20
N GLU A 190 -22.75 5.09 -5.53
CA GLU A 190 -22.78 4.00 -4.56
C GLU A 190 -21.82 4.23 -3.39
N ALA A 191 -20.57 4.57 -3.73
CA ALA A 191 -19.54 4.81 -2.71
C ALA A 191 -19.99 5.92 -1.76
N GLN A 192 -20.60 6.94 -2.35
CA GLN A 192 -21.12 8.11 -1.65
C GLN A 192 -22.01 7.74 -0.46
N LYS A 193 -22.62 6.56 -0.52
CA LYS A 193 -23.57 6.14 0.50
C LYS A 193 -22.87 5.89 1.82
N ASN A 194 -21.59 5.52 1.77
CA ASN A 194 -20.84 5.25 2.97
C ASN A 194 -20.07 6.49 3.48
N GLY A 195 -20.40 7.65 2.95
CA GLY A 195 -20.00 8.92 3.54
C GLY A 195 -18.53 9.29 3.60
N TYR A 196 -17.78 8.94 2.56
CA TYR A 196 -16.38 9.28 2.51
C TYR A 196 -16.19 10.79 2.36
N SER A 197 -15.14 11.31 2.98
CA SER A 197 -14.78 12.72 2.84
C SER A 197 -13.76 12.91 1.72
N ALA A 198 -13.35 11.80 1.10
CA ALA A 198 -12.35 11.82 0.01
C ALA A 198 -12.44 10.57 -0.86
N TYR A 199 -12.07 10.71 -2.12
CA TYR A 199 -12.18 9.66 -3.12
C TYR A 199 -10.97 9.72 -4.04
N LYS A 200 -10.54 8.56 -4.51
CA LYS A 200 -9.49 8.49 -5.52
C LYS A 200 -9.97 7.72 -6.75
N MET A 201 -9.66 8.24 -7.94
CA MET A 201 -10.01 7.58 -9.19
C MET A 201 -8.76 7.34 -10.01
N ARG A 202 -8.86 6.46 -10.99
CA ARG A 202 -7.75 6.14 -11.88
C ARG A 202 -7.95 6.72 -13.27
N PHE A 203 -6.86 7.12 -13.91
CA PHE A 203 -6.89 7.60 -15.30
C PHE A 203 -6.80 6.42 -16.24
N GLY A 204 -7.34 6.59 -17.45
CA GLY A 204 -7.34 5.53 -18.44
C GLY A 204 -6.51 5.77 -19.69
N TRP A 205 -6.09 7.02 -19.91
CA TRP A 205 -5.33 7.38 -21.11
C TRP A 205 -4.00 8.05 -20.75
N GLY A 206 -2.97 7.82 -21.56
CA GLY A 206 -1.68 8.44 -21.36
C GLY A 206 -1.03 8.99 -22.60
N PRO A 207 0.31 9.14 -22.57
CA PRO A 207 1.14 9.77 -23.61
C PRO A 207 0.87 9.24 -25.02
N LYS A 208 0.49 7.98 -25.13
CA LYS A 208 0.28 7.35 -26.43
C LYS A 208 -0.97 7.91 -27.11
N ASP A 209 -1.92 8.36 -26.29
CA ASP A 209 -3.23 8.81 -26.77
C ASP A 209 -3.29 10.32 -26.98
N GLY A 210 -2.16 10.99 -26.79
CA GLY A 210 -2.04 12.41 -27.06
C GLY A 210 -3.14 13.27 -26.46
N MET A 211 -3.46 14.35 -27.17
CA MET A 211 -4.46 15.29 -26.70
C MET A 211 -5.86 14.68 -26.58
N ASP A 212 -6.21 13.77 -27.47
CA ASP A 212 -7.52 13.14 -27.35
C ASP A 212 -7.67 12.39 -26.03
N GLY A 213 -6.62 11.63 -25.65
CA GLY A 213 -6.60 10.95 -24.37
C GLY A 213 -6.64 11.92 -23.19
N MET A 214 -6.01 13.08 -23.36
CA MET A 214 -6.09 14.12 -22.33
C MET A 214 -7.55 14.52 -22.11
N ARG A 215 -8.24 14.74 -23.22
CA ARG A 215 -9.65 15.13 -23.16
C ARG A 215 -10.50 14.02 -22.53
N GLU A 216 -10.21 12.77 -22.86
CA GLU A 216 -10.92 11.65 -22.25
C GLU A 216 -10.67 11.59 -20.76
N ASN A 217 -9.42 11.78 -20.36
CA ASN A 217 -9.08 11.84 -18.95
C ASN A 217 -9.86 12.94 -18.23
N LEU A 218 -9.83 14.13 -18.81
CA LEU A 218 -10.50 15.27 -18.18
C LEU A 218 -12.03 15.08 -18.07
N LYS A 219 -12.63 14.42 -19.06
CA LYS A 219 -14.08 14.14 -19.07
C LYS A 219 -14.44 13.31 -17.87
N ARG A 220 -13.57 12.36 -17.55
CA ARG A 220 -13.86 11.46 -16.48
C ARG A 220 -13.68 12.09 -15.07
N VAL A 221 -12.68 12.96 -14.92
CA VAL A 221 -12.52 13.70 -13.67
C VAL A 221 -13.76 14.56 -13.45
N GLU A 222 -14.19 15.16 -14.55
CA GLU A 222 -15.36 16.03 -14.63
C GLU A 222 -16.63 15.27 -14.20
N ALA A 223 -16.80 14.08 -14.78
CA ALA A 223 -17.94 13.24 -14.51
C ALA A 223 -18.00 12.81 -13.04
N VAL A 224 -16.84 12.53 -12.44
CA VAL A 224 -16.81 12.08 -11.05
C VAL A 224 -17.13 13.23 -10.11
N ARG A 225 -16.62 14.41 -10.44
CA ARG A 225 -16.91 15.60 -9.67
C ARG A 225 -18.40 15.95 -9.69
N GLU A 226 -19.06 15.66 -10.82
CA GLU A 226 -20.50 15.92 -10.95
C GLU A 226 -21.30 15.15 -9.92
N VAL A 227 -20.89 13.91 -9.65
CA VAL A 227 -21.53 13.11 -8.64
C VAL A 227 -21.08 13.54 -7.25
N ILE A 228 -19.78 13.41 -6.95
CA ILE A 228 -19.34 13.60 -5.57
C ILE A 228 -19.31 15.04 -5.09
N GLY A 229 -19.23 16.00 -6.02
CA GLY A 229 -19.17 17.40 -5.63
C GLY A 229 -17.83 17.94 -5.14
N TYR A 230 -17.84 19.17 -4.67
CA TYR A 230 -16.62 19.89 -4.29
C TYR A 230 -16.54 20.12 -2.79
N ASP A 231 -17.36 19.40 -2.04
CA ASP A 231 -17.28 19.43 -0.58
C ASP A 231 -16.51 18.22 -0.09
N VAL A 232 -15.98 17.45 -1.03
CA VAL A 232 -15.10 16.34 -0.73
C VAL A 232 -13.79 16.48 -1.52
N ASP A 233 -12.78 15.71 -1.14
CA ASP A 233 -11.53 15.65 -1.87
C ASP A 233 -11.57 14.57 -2.96
N LEU A 234 -10.93 14.87 -4.08
CA LEU A 234 -10.73 13.92 -5.16
C LEU A 234 -9.23 13.77 -5.45
N MET A 235 -8.73 12.54 -5.36
CA MET A 235 -7.34 12.27 -5.70
C MET A 235 -7.30 11.54 -7.02
N LEU A 236 -6.23 11.72 -7.78
CA LEU A 236 -6.08 11.10 -9.09
C LEU A 236 -4.87 10.17 -9.15
N GLU A 237 -5.00 9.04 -9.84
CA GLU A 237 -3.90 8.09 -9.91
C GLU A 237 -3.54 7.67 -11.33
N CYS A 238 -2.23 7.66 -11.63
CA CYS A 238 -1.72 7.27 -12.95
C CYS A 238 -0.97 5.95 -12.94
N TYR A 239 -0.62 5.48 -11.75
CA TYR A 239 0.05 4.18 -11.62
C TYR A 239 1.28 4.03 -12.54
N MET A 240 2.11 5.08 -12.58
CA MET A 240 3.35 5.05 -13.35
C MET A 240 3.12 5.09 -14.87
N GLY A 241 1.89 5.41 -15.25
CA GLY A 241 1.46 5.37 -16.63
C GLY A 241 1.87 6.56 -17.49
N TRP A 242 2.09 7.71 -16.88
CA TRP A 242 2.45 8.91 -17.63
C TRP A 242 3.98 9.11 -17.76
N ASN A 243 4.38 10.33 -18.08
CA ASN A 243 5.79 10.69 -18.04
C ASN A 243 5.98 12.15 -17.70
N LEU A 244 7.23 12.55 -17.50
CA LEU A 244 7.52 13.91 -17.07
C LEU A 244 6.90 14.96 -18.02
N ASP A 245 7.06 14.76 -19.32
CA ASP A 245 6.61 15.70 -20.35
C ASP A 245 5.08 15.83 -20.41
N TYR A 246 4.42 14.69 -20.62
CA TYR A 246 2.96 14.64 -20.62
C TYR A 246 2.39 15.22 -19.33
N THR A 247 2.98 14.88 -18.19
CA THR A 247 2.48 15.36 -16.90
C THR A 247 2.59 16.88 -16.78
N LYS A 248 3.70 17.46 -17.22
CA LYS A 248 3.86 18.93 -17.17
C LYS A 248 2.79 19.64 -18.02
N ARG A 249 2.41 19.01 -19.13
CA ARG A 249 1.44 19.61 -20.02
C ARG A 249 0.01 19.40 -19.48
N MET A 250 -0.20 18.28 -18.79
CA MET A 250 -1.52 17.96 -18.28
C MET A 250 -1.85 18.75 -17.01
N LEU A 251 -0.82 19.04 -16.22
CA LEU A 251 -1.03 19.62 -14.89
C LEU A 251 -1.93 20.86 -14.87
N PRO A 252 -1.62 21.88 -15.69
CA PRO A 252 -2.49 23.07 -15.73
C PRO A 252 -3.95 22.72 -16.00
N LYS A 253 -4.18 21.68 -16.79
CA LYS A 253 -5.55 21.32 -17.20
C LYS A 253 -6.34 20.69 -16.06
N LEU A 254 -5.65 20.16 -15.06
CA LEU A 254 -6.31 19.51 -13.92
C LEU A 254 -6.75 20.48 -12.82
N VAL A 255 -6.20 21.69 -12.83
CA VAL A 255 -6.42 22.64 -11.74
C VAL A 255 -7.91 22.94 -11.45
N LYS A 256 -8.71 23.09 -12.50
CA LYS A 256 -10.12 23.45 -12.33
C LYS A 256 -10.90 22.44 -11.48
N TYR A 257 -10.46 21.18 -11.47
CA TYR A 257 -11.13 20.13 -10.70
C TYR A 257 -10.67 20.03 -9.26
N GLU A 258 -9.75 20.91 -8.87
CA GLU A 258 -9.21 20.94 -7.49
C GLU A 258 -8.72 19.59 -6.91
N PRO A 259 -7.99 18.78 -7.71
CA PRO A 259 -7.53 17.51 -7.14
C PRO A 259 -6.59 17.70 -5.96
N ARG A 260 -6.70 16.80 -5.00
CA ARG A 260 -5.91 16.85 -3.79
C ARG A 260 -4.47 16.35 -4.03
N TRP A 261 -4.30 15.34 -4.89
CA TRP A 261 -2.97 14.97 -5.38
C TRP A 261 -3.06 14.19 -6.68
N LEU A 262 -1.90 13.98 -7.28
CA LEU A 262 -1.76 13.19 -8.49
C LEU A 262 -0.71 12.13 -8.18
N GLU A 263 -1.12 10.87 -8.22
CA GLU A 263 -0.29 9.79 -7.70
C GLU A 263 0.50 9.03 -8.77
N GLU A 264 1.81 8.92 -8.57
CA GLU A 264 2.71 8.17 -9.47
C GLU A 264 2.58 8.55 -10.94
N PRO A 265 2.69 9.84 -11.25
CA PRO A 265 2.61 10.19 -12.67
C PRO A 265 3.71 9.50 -13.50
N VAL A 266 4.89 9.31 -12.92
CA VAL A 266 5.99 8.72 -13.66
C VAL A 266 6.45 7.41 -13.01
N ILE A 267 7.28 6.67 -13.76
CA ILE A 267 7.88 5.44 -13.26
C ILE A 267 8.73 5.71 -12.00
N ALA A 268 8.83 4.70 -11.15
CA ALA A 268 9.45 4.86 -9.84
C ALA A 268 10.94 5.20 -9.89
N ASP A 269 11.62 4.78 -10.95
CA ASP A 269 13.02 5.16 -11.15
C ASP A 269 13.22 6.66 -11.38
N ASP A 270 12.17 7.35 -11.83
CA ASP A 270 12.31 8.74 -12.30
C ASP A 270 12.07 9.72 -11.18
N VAL A 271 12.92 9.65 -10.17
CA VAL A 271 12.81 10.49 -8.99
C VAL A 271 13.04 11.96 -9.31
N GLU A 272 14.03 12.26 -10.16
CA GLU A 272 14.20 13.63 -10.68
C GLU A 272 12.95 14.18 -11.36
N GLY A 273 12.24 13.35 -12.12
CA GLY A 273 10.97 13.78 -12.67
C GLY A 273 9.96 14.10 -11.57
N TYR A 274 9.91 13.27 -10.53
CA TYR A 274 9.02 13.53 -9.39
C TYR A 274 9.29 14.91 -8.80
N ARG A 275 10.57 15.19 -8.53
CA ARG A 275 10.96 16.46 -7.92
C ARG A 275 10.56 17.63 -8.78
N GLU A 276 10.81 17.48 -10.08
CA GLU A 276 10.50 18.53 -11.03
C GLU A 276 8.98 18.84 -11.06
N LEU A 277 8.16 17.82 -11.22
CA LEU A 277 6.70 17.97 -11.19
C LEU A 277 6.20 18.50 -9.84
N ASN A 278 6.74 17.97 -8.75
CA ASN A 278 6.29 18.41 -7.43
C ASN A 278 6.61 19.87 -7.19
N ALA A 279 7.77 20.33 -7.68
CA ALA A 279 8.19 21.71 -7.43
C ALA A 279 7.40 22.72 -8.23
N MET A 280 6.63 22.25 -9.21
CA MET A 280 5.80 23.14 -10.02
C MET A 280 4.66 23.70 -9.20
N ASN A 281 4.31 23.01 -8.12
CA ASN A 281 3.17 23.41 -7.29
C ASN A 281 1.88 23.71 -8.06
N ILE A 282 1.55 22.82 -8.98
CA ILE A 282 0.32 22.94 -9.76
C ILE A 282 -0.74 22.01 -9.13
N VAL A 283 -0.40 20.72 -9.04
CA VAL A 283 -1.15 19.76 -8.22
C VAL A 283 -0.13 18.95 -7.40
N PRO A 284 -0.38 18.77 -6.09
CA PRO A 284 0.56 18.01 -5.27
C PRO A 284 0.85 16.62 -5.87
N ILE A 285 2.12 16.26 -5.97
CA ILE A 285 2.49 14.96 -6.52
C ILE A 285 2.68 13.98 -5.37
N SER A 286 2.17 12.76 -5.55
CA SER A 286 2.30 11.74 -4.53
C SER A 286 2.92 10.47 -5.11
N GLY A 287 3.47 9.65 -4.24
CA GLY A 287 4.13 8.43 -4.65
C GLY A 287 4.85 7.77 -3.48
N GLY A 288 5.72 6.83 -3.80
CA GLY A 288 6.43 6.08 -2.78
C GLY A 288 6.04 4.61 -2.67
N GLU A 289 4.89 4.22 -3.21
CA GLU A 289 4.46 2.83 -3.05
C GLU A 289 5.38 1.83 -3.77
N HIS A 290 6.21 2.34 -4.69
CA HIS A 290 7.24 1.54 -5.32
C HIS A 290 8.64 1.96 -4.89
N GLU A 291 8.73 2.55 -3.71
CA GLU A 291 10.03 2.90 -3.15
C GLU A 291 10.33 1.94 -1.99
N PHE A 292 11.61 1.69 -1.76
CA PHE A 292 12.03 0.70 -0.76
C PHE A 292 13.10 1.23 0.20
N SER A 293 13.06 0.70 1.42
CA SER A 293 14.01 0.98 2.52
C SER A 293 13.80 2.37 3.14
N VAL A 294 14.39 2.56 4.32
CA VAL A 294 14.24 3.82 5.05
C VAL A 294 14.93 4.93 4.27
N ILE A 295 16.13 4.64 3.79
CA ILE A 295 16.90 5.62 3.06
C ILE A 295 16.24 5.98 1.72
N GLY A 296 15.74 4.98 1.02
CA GLY A 296 14.96 5.20 -0.18
C GLY A 296 13.89 6.28 0.02
N CYS A 297 13.11 6.13 1.09
CA CYS A 297 12.03 7.06 1.36
C CYS A 297 12.55 8.38 1.90
N LYS A 298 13.65 8.33 2.64
CA LYS A 298 14.27 9.54 3.16
C LYS A 298 14.61 10.44 1.99
N ASP A 299 15.11 9.84 0.92
CA ASP A 299 15.52 10.62 -0.25
C ASP A 299 14.32 11.23 -0.98
N LEU A 300 13.22 10.49 -1.10
CA LEU A 300 12.00 11.09 -1.65
C LEU A 300 11.61 12.28 -0.78
N ILE A 301 11.72 12.14 0.54
CA ILE A 301 11.33 13.21 1.45
C ILE A 301 12.25 14.43 1.38
N GLU A 302 13.55 14.21 1.52
CA GLU A 302 14.47 15.33 1.62
C GLU A 302 14.53 16.08 0.30
N LYS A 303 14.45 15.35 -0.81
CA LYS A 303 14.55 15.97 -2.12
CA LYS A 303 14.54 15.91 -2.15
C LYS A 303 13.22 16.57 -2.60
N LYS A 304 12.19 16.49 -1.75
CA LYS A 304 10.87 17.03 -2.08
C LYS A 304 10.29 16.41 -3.35
N ALA A 305 10.55 15.12 -3.50
CA ALA A 305 10.03 14.35 -4.63
C ALA A 305 8.51 14.12 -4.53
N VAL A 306 8.00 13.98 -3.33
CA VAL A 306 6.56 13.83 -3.16
C VAL A 306 6.02 14.82 -2.13
N SER A 307 4.77 15.21 -2.31
CA SER A 307 4.05 15.96 -1.29
C SER A 307 3.34 15.01 -0.31
N VAL A 308 3.10 13.78 -0.73
CA VAL A 308 2.49 12.77 0.13
C VAL A 308 3.25 11.49 -0.13
N LEU A 309 3.66 10.82 0.94
CA LEU A 309 4.41 9.58 0.85
C LEU A 309 3.47 8.38 1.07
N GLN A 310 3.49 7.46 0.13
CA GLN A 310 2.57 6.34 0.14
C GLN A 310 3.22 4.97 0.00
N TYR A 311 4.24 4.70 0.82
CA TYR A 311 4.87 3.38 0.82
C TYR A 311 3.82 2.35 1.27
N ASP A 312 4.03 1.11 0.88
CA ASP A 312 3.25 0.00 1.43
C ASP A 312 4.18 -0.72 2.39
N THR A 313 3.74 -0.91 3.63
CA THR A 313 4.57 -1.56 4.62
C THR A 313 4.98 -2.99 4.19
N ASN A 314 4.15 -3.68 3.42
CA ASN A 314 4.54 -5.02 2.98
C ASN A 314 5.43 -4.98 1.73
N ARG A 315 6.00 -3.81 1.46
CA ARG A 315 7.03 -3.68 0.42
C ARG A 315 8.26 -2.96 0.95
N VAL A 316 8.00 -1.91 1.73
CA VAL A 316 9.01 -0.90 2.00
C VAL A 316 10.08 -1.40 2.96
N GLY A 317 9.76 -2.44 3.72
CA GLY A 317 10.73 -3.06 4.60
C GLY A 317 10.15 -3.51 5.92
N GLY A 318 8.84 -3.42 6.05
CA GLY A 318 8.16 -3.90 7.23
C GLY A 318 7.92 -2.75 8.18
N ILE A 319 7.36 -3.07 9.35
CA ILE A 319 7.01 -2.05 10.32
C ILE A 319 8.26 -1.40 10.91
N THR A 320 9.29 -2.19 11.13
CA THR A 320 10.57 -1.68 11.60
C THR A 320 11.03 -0.52 10.71
N ALA A 321 11.00 -0.75 9.39
CA ALA A 321 11.33 0.31 8.43
C ALA A 321 10.30 1.44 8.43
N ALA A 322 9.02 1.09 8.30
CA ALA A 322 7.96 2.11 8.20
C ALA A 322 7.91 3.01 9.44
N GLN A 323 8.18 2.45 10.61
CA GLN A 323 8.24 3.26 11.82
C GLN A 323 9.32 4.34 11.68
N LYS A 324 10.50 3.97 11.19
CA LYS A 324 11.55 4.95 11.02
C LYS A 324 11.23 5.95 9.91
N ILE A 325 10.62 5.48 8.84
CA ILE A 325 10.19 6.37 7.77
C ILE A 325 9.18 7.42 8.26
N ASN A 326 8.25 6.98 9.11
CA ASN A 326 7.21 7.84 9.65
C ASN A 326 7.77 8.99 10.49
N ALA A 327 8.82 8.71 11.25
CA ALA A 327 9.53 9.74 12.02
C ALA A 327 10.14 10.82 11.11
N ILE A 328 10.78 10.39 10.04
CA ILE A 328 11.39 11.30 9.08
C ILE A 328 10.30 12.16 8.41
N ALA A 329 9.27 11.52 7.90
CA ALA A 329 8.19 12.22 7.19
C ALA A 329 7.50 13.24 8.09
N GLU A 330 7.20 12.80 9.30
CA GLU A 330 6.62 13.68 10.32
C GLU A 330 7.49 14.92 10.55
N ALA A 331 8.79 14.72 10.77
CA ALA A 331 9.68 15.85 11.01
C ALA A 331 9.72 16.83 9.82
N PHE A 332 9.70 16.30 8.60
CA PHE A 332 9.61 17.15 7.41
C PHE A 332 8.18 17.65 7.12
N GLN A 333 7.22 17.17 7.89
CA GLN A 333 5.82 17.53 7.67
C GLN A 333 5.36 17.14 6.25
N VAL A 334 5.81 15.98 5.79
CA VAL A 334 5.25 15.33 4.61
C VAL A 334 4.28 14.22 5.03
N PRO A 335 2.98 14.42 4.79
CA PRO A 335 1.94 13.46 5.20
C PRO A 335 2.29 12.07 4.70
N VAL A 336 2.07 11.07 5.55
CA VAL A 336 2.25 9.68 5.15
C VAL A 336 0.88 9.05 5.08
N ILE A 337 0.57 8.50 3.92
CA ILE A 337 -0.71 7.84 3.71
C ILE A 337 -0.40 6.56 2.97
N PRO A 338 -0.19 5.47 3.72
CA PRO A 338 0.32 4.24 3.12
C PRO A 338 -0.55 3.75 1.99
N HIS A 339 0.11 3.18 0.99
CA HIS A 339 -0.62 2.42 -0.02
C HIS A 339 -1.22 1.17 0.61
N ALA A 340 -2.53 0.99 0.44
CA ALA A 340 -3.28 -0.21 0.83
C ALA A 340 -3.96 -0.09 2.18
N GLY A 341 -5.19 -0.56 2.25
CA GLY A 341 -5.96 -0.56 3.48
C GLY A 341 -5.89 -1.93 4.13
N GLN A 342 -4.84 -2.16 4.91
CA GLN A 342 -4.67 -3.41 5.64
C GLN A 342 -4.05 -3.12 7.00
N MET A 343 -4.08 -4.12 7.87
CA MET A 343 -3.57 -3.97 9.23
C MET A 343 -2.08 -3.61 9.26
N HIS A 344 -1.30 -4.19 8.36
CA HIS A 344 0.13 -3.91 8.35
C HIS A 344 0.40 -2.40 8.15
N ASN A 345 -0.58 -1.67 7.65
CA ASN A 345 -0.47 -0.21 7.53
C ASN A 345 -1.24 0.54 8.62
N TYR A 346 -2.44 0.06 8.97
CA TYR A 346 -3.32 0.77 9.91
C TYR A 346 -2.73 1.02 11.29
N HIS A 347 -1.93 0.09 11.79
CA HIS A 347 -1.34 0.27 13.12
C HIS A 347 -0.32 1.40 13.09
N LEU A 348 0.49 1.42 12.04
CA LEU A 348 1.44 2.52 11.84
C LEU A 348 0.71 3.85 11.81
N THR A 349 -0.35 3.92 11.01
CA THR A 349 -1.12 5.14 10.88
C THR A 349 -1.74 5.59 12.21
N MET A 350 -2.17 4.63 13.03
CA MET A 350 -2.77 4.95 14.33
C MET A 350 -1.78 5.64 15.30
N ALA A 351 -0.52 5.22 15.23
CA ALA A 351 0.48 5.60 16.21
C ALA A 351 1.24 6.90 15.92
N ASN A 352 0.96 7.54 14.79
CA ASN A 352 1.70 8.73 14.39
C ASN A 352 0.73 9.84 13.96
N ALA A 353 0.88 11.00 14.58
CA ALA A 353 -0.01 12.14 14.32
C ALA A 353 0.12 12.74 12.94
N ASN A 354 1.21 12.44 12.23
CA ASN A 354 1.38 12.94 10.86
C ASN A 354 0.75 11.97 9.84
N CYS A 355 0.12 10.91 10.34
CA CYS A 355 -0.64 9.99 9.49
C CYS A 355 -2.13 10.15 9.77
N MET A 356 -2.79 10.98 8.95
CA MET A 356 -4.16 11.41 9.24
C MET A 356 -5.29 10.60 8.59
N ILE A 357 -5.01 9.90 7.49
CA ILE A 357 -6.01 9.05 6.85
C ILE A 357 -5.40 7.81 6.20
N SER A 358 -6.24 6.83 5.89
CA SER A 358 -5.76 5.61 5.25
C SER A 358 -6.49 5.39 3.94
N GLU A 359 -5.91 4.56 3.09
CA GLU A 359 -6.56 4.15 1.85
C GLU A 359 -7.54 3.03 2.17
N TYR A 360 -8.66 3.00 1.47
CA TYR A 360 -9.66 1.96 1.70
C TYR A 360 -10.48 1.61 0.48
N PHE A 361 -10.80 0.33 0.35
CA PHE A 361 -11.95 -0.11 -0.44
C PHE A 361 -12.51 -1.37 0.18
N PRO A 362 -13.84 -1.56 0.09
CA PRO A 362 -14.50 -2.69 0.75
C PRO A 362 -14.32 -3.97 -0.06
N VAL A 363 -14.72 -5.11 0.51
CA VAL A 363 -14.52 -6.42 -0.13
C VAL A 363 -15.44 -6.60 -1.34
N PHE A 364 -14.88 -6.42 -2.53
CA PHE A 364 -15.59 -6.74 -3.77
C PHE A 364 -14.92 -7.95 -4.43
N ASP A 365 -15.43 -8.33 -5.60
CA ASP A 365 -14.90 -9.47 -6.36
C ASP A 365 -13.41 -9.36 -6.63
N VAL A 366 -12.84 -10.43 -7.18
CA VAL A 366 -11.46 -10.41 -7.63
C VAL A 366 -11.43 -9.97 -9.09
N GLU A 367 -10.78 -8.85 -9.36
CA GLU A 367 -10.75 -8.27 -10.70
C GLU A 367 -9.35 -7.84 -11.12
N VAL A 368 -8.59 -7.32 -10.16
CA VAL A 368 -7.27 -6.75 -10.39
C VAL A 368 -6.17 -7.61 -9.73
N GLY A 369 -6.49 -8.16 -8.58
CA GLY A 369 -5.57 -9.05 -7.88
C GLY A 369 -5.27 -8.48 -6.51
N ASN A 370 -5.47 -7.18 -6.34
CA ASN A 370 -5.16 -6.54 -5.07
C ASN A 370 -6.23 -6.76 -4.00
N GLU A 371 -7.30 -7.47 -4.38
CA GLU A 371 -8.39 -7.74 -3.45
C GLU A 371 -8.16 -9.05 -2.68
N LEU A 372 -7.16 -9.80 -3.13
CA LEU A 372 -6.94 -11.15 -2.66
C LEU A 372 -6.82 -11.27 -1.13
N PHE A 373 -6.36 -10.19 -0.48
CA PHE A 373 -6.09 -10.24 0.95
C PHE A 373 -7.36 -10.43 1.77
N TYR A 374 -8.48 -9.91 1.29
CA TYR A 374 -9.79 -10.06 1.96
C TYR A 374 -10.29 -11.49 2.03
N TYR A 375 -9.73 -12.36 1.20
CA TYR A 375 -10.12 -13.77 1.18
C TYR A 375 -9.13 -14.66 1.91
N ILE A 376 -7.98 -14.09 2.28
CA ILE A 376 -6.93 -14.85 2.96
C ILE A 376 -6.91 -14.55 4.46
N PHE A 377 -7.20 -13.30 4.83
CA PHE A 377 -7.16 -12.90 6.23
C PHE A 377 -8.51 -12.45 6.75
N GLU A 378 -8.73 -12.75 8.03
CA GLU A 378 -9.83 -12.15 8.79
C GLU A 378 -9.21 -11.11 9.72
N GLY A 379 -9.92 -10.02 9.97
CA GLY A 379 -9.45 -9.02 10.91
C GLY A 379 -9.25 -7.61 10.37
N ASP A 380 -9.15 -7.46 9.05
CA ASP A 380 -9.02 -6.12 8.46
C ASP A 380 -10.35 -5.36 8.61
N PRO A 381 -10.33 -4.24 9.35
CA PRO A 381 -11.57 -3.52 9.70
C PRO A 381 -12.35 -3.06 8.47
N GLU A 382 -13.65 -2.86 8.62
CA GLU A 382 -14.43 -2.30 7.54
C GLU A 382 -14.87 -0.88 7.86
N ALA A 383 -14.59 0.02 6.93
CA ALA A 383 -14.93 1.42 7.09
C ALA A 383 -16.43 1.57 7.11
N VAL A 384 -16.92 2.41 8.01
CA VAL A 384 -18.33 2.73 8.12
C VAL A 384 -18.45 4.24 8.26
N ASP A 385 -19.24 4.86 7.39
CA ASP A 385 -19.38 6.31 7.36
C ASP A 385 -18.03 7.02 7.29
N GLY A 386 -17.14 6.49 6.46
CA GLY A 386 -15.83 7.09 6.22
C GLY A 386 -14.75 6.83 7.27
N PHE A 387 -15.04 6.01 8.28
CA PHE A 387 -14.06 5.71 9.34
C PHE A 387 -13.91 4.22 9.60
N LEU A 388 -12.74 3.82 10.07
CA LEU A 388 -12.57 2.51 10.70
C LEU A 388 -11.75 2.70 11.99
N ASP A 389 -11.58 1.65 12.79
CA ASP A 389 -10.92 1.79 14.08
C ASP A 389 -10.19 0.51 14.48
N LEU A 390 -9.26 0.64 15.41
CA LEU A 390 -8.51 -0.50 15.93
C LEU A 390 -8.95 -0.80 17.37
N ASP A 391 -8.86 -2.07 17.74
CA ASP A 391 -9.24 -2.51 19.07
C ASP A 391 -8.09 -2.34 20.06
N ASP A 392 -8.35 -1.60 21.12
CA ASP A 392 -7.36 -1.35 22.18
C ASP A 392 -6.83 -2.62 22.85
N ASP A 393 -7.50 -3.75 22.65
CA ASP A 393 -7.19 -4.95 23.43
C ASP A 393 -6.75 -6.16 22.61
N THR A 394 -6.93 -6.10 21.30
CA THR A 394 -6.53 -7.22 20.47
C THR A 394 -5.01 -7.22 20.27
N PRO A 395 -4.33 -8.28 20.73
CA PRO A 395 -2.86 -8.33 20.64
C PRO A 395 -2.39 -8.52 19.20
N GLY A 396 -1.17 -8.07 18.91
CA GLY A 396 -0.58 -8.20 17.59
C GLY A 396 -1.27 -7.36 16.54
N LEU A 397 -1.16 -7.79 15.29
CA LEU A 397 -1.77 -7.08 14.17
C LEU A 397 -3.29 -7.24 14.13
N GLY A 398 -3.83 -8.20 14.89
CA GLY A 398 -5.25 -8.45 14.87
C GLY A 398 -5.74 -9.08 13.57
N ILE A 399 -4.90 -9.88 12.93
CA ILE A 399 -5.35 -10.66 11.78
C ILE A 399 -5.07 -12.13 12.01
N GLU A 400 -5.83 -12.98 11.31
CA GLU A 400 -5.54 -14.41 11.29
C GLU A 400 -5.77 -14.91 9.86
N ILE A 401 -5.03 -15.94 9.46
CA ILE A 401 -5.27 -16.60 8.20
C ILE A 401 -6.54 -17.44 8.29
N THR A 402 -7.44 -17.28 7.33
CA THR A 402 -8.76 -17.90 7.42
C THR A 402 -8.96 -19.13 6.52
N ASP A 403 -9.90 -19.97 6.93
CA ASP A 403 -10.36 -21.15 6.18
C ASP A 403 -11.41 -20.81 5.14
N LYS A 404 -12.25 -19.83 5.47
CA LYS A 404 -13.43 -19.53 4.67
C LYS A 404 -13.29 -19.77 3.15
N HIS A 405 -12.12 -19.48 2.58
CA HIS A 405 -12.00 -19.49 1.12
C HIS A 405 -11.00 -20.47 0.55
N LEU A 406 -10.60 -21.47 1.33
CA LEU A 406 -9.68 -22.49 0.86
C LEU A 406 -10.12 -23.13 -0.47
N LYS A 407 -11.43 -23.15 -0.70
CA LYS A 407 -11.99 -23.72 -1.93
C LYS A 407 -11.51 -22.97 -3.19
N HIS A 408 -11.25 -21.67 -3.06
CA HIS A 408 -10.88 -20.86 -4.21
C HIS A 408 -9.38 -20.66 -4.34
N PHE A 409 -8.60 -21.42 -3.56
CA PHE A 409 -7.15 -21.26 -3.54
C PHE A 409 -6.40 -22.54 -3.81
N GLN A 410 -5.31 -22.43 -4.55
CA GLN A 410 -4.30 -23.48 -4.58
C GLN A 410 -3.05 -22.91 -3.94
N ILE A 411 -2.66 -23.50 -2.81
CA ILE A 411 -1.60 -22.96 -1.98
C ILE A 411 -0.34 -23.78 -2.08
N THR A 412 0.74 -23.15 -2.50
CA THR A 412 1.99 -23.89 -2.63
C THR A 412 3.02 -23.56 -1.53
N GLU A 413 3.79 -24.57 -1.14
CA GLU A 413 4.90 -24.39 -0.22
C GLU A 413 6.11 -25.18 -0.68
#